data_4ZHU
#
_entry.id   4ZHU
#
_cell.length_a   121.268
_cell.length_b   121.268
_cell.length_c   85.482
_cell.angle_alpha   90.00
_cell.angle_beta   90.00
_cell.angle_gamma   90.00
#
_symmetry.space_group_name_H-M   'P 43 21 2'
#
loop_
_entity.id
_entity.type
_entity.pdbx_description
1 polymer YfiR
2 non-polymer 'SULFATE ION'
3 water water
#
_entity_poly.entity_id   1
_entity_poly.type   'polypeptide(L)'
_entity_poly.pdbx_seq_one_letter_code
;MPSLPTLQPLDLYRRTLACLVLAVSCLGGGGLWADDARTSIEQRSNAVSQVLLGIFSYVRWPKEPAVLQLCVVGPTEYAD
GLLRGMVQANGRRVHAERRAVDNPDLGTLCNVIYLGVVDERERQQVFRSLAGHPVLSISERGTECSVGSMFCLNVGGPRI
TFEANLDSIARSGVRVHPSVLKLARRQATP
;
_entity_poly.pdbx_strand_id   A,B
#
loop_
_chem_comp.id
_chem_comp.type
_chem_comp.name
_chem_comp.formula
SO4 non-polymer 'SULFATE ION' 'O4 S -2'
#
# COMPACT_ATOMS: atom_id res chain seq x y z
N THR A 39 -19.71 -19.22 10.59
CA THR A 39 -20.14 -18.61 9.33
C THR A 39 -19.99 -19.59 8.15
N SER A 40 -21.11 -19.94 7.51
CA SER A 40 -21.11 -20.84 6.36
C SER A 40 -20.53 -20.22 5.07
N ILE A 41 -20.35 -21.06 4.04
CA ILE A 41 -19.75 -20.61 2.78
C ILE A 41 -20.69 -19.63 2.06
N GLU A 42 -21.98 -19.97 1.99
CA GLU A 42 -23.01 -19.09 1.44
C GLU A 42 -22.99 -17.73 2.14
N GLN A 43 -22.92 -17.75 3.47
CA GLN A 43 -22.84 -16.54 4.27
C GLN A 43 -21.61 -15.70 3.90
N ARG A 44 -20.45 -16.34 3.81
CA ARG A 44 -19.22 -15.63 3.46
C ARG A 44 -19.24 -15.09 2.03
N SER A 45 -19.81 -15.85 1.11
CA SER A 45 -19.87 -15.42 -0.28
C SER A 45 -20.71 -14.18 -0.46
N ASN A 46 -21.86 -14.19 0.20
CA ASN A 46 -22.72 -13.03 0.23
C ASN A 46 -21.97 -11.83 0.80
N ALA A 47 -21.25 -12.05 1.90
CA ALA A 47 -20.51 -10.96 2.55
C ALA A 47 -19.41 -10.43 1.63
N VAL A 48 -18.71 -11.34 0.95
CA VAL A 48 -17.65 -10.93 0.01
C VAL A 48 -18.23 -9.98 -1.04
N SER A 49 -19.40 -10.32 -1.56
CA SER A 49 -20.11 -9.46 -2.49
C SER A 49 -20.22 -8.01 -1.95
N GLN A 50 -20.70 -7.85 -0.72
CA GLN A 50 -20.97 -6.52 -0.24
C GLN A 50 -19.69 -5.78 0.11
N VAL A 51 -18.65 -6.51 0.51
CA VAL A 51 -17.37 -5.86 0.77
C VAL A 51 -16.76 -5.35 -0.54
N LEU A 52 -16.85 -6.16 -1.59
CA LEU A 52 -16.38 -5.74 -2.90
C LEU A 52 -17.11 -4.49 -3.42
N LEU A 53 -18.43 -4.43 -3.26
CA LEU A 53 -19.17 -3.23 -3.60
C LEU A 53 -18.66 -2.05 -2.80
N GLY A 54 -18.39 -2.31 -1.52
CA GLY A 54 -17.83 -1.30 -0.65
C GLY A 54 -16.55 -0.73 -1.22
N ILE A 55 -15.64 -1.61 -1.60
CA ILE A 55 -14.35 -1.19 -2.13
C ILE A 55 -14.53 -0.43 -3.44
N PHE A 56 -15.35 -0.96 -4.36
CA PHE A 56 -15.54 -0.33 -5.68
C PHE A 56 -15.97 1.12 -5.56
N SER A 57 -16.71 1.43 -4.49
CA SER A 57 -17.25 2.77 -4.31
C SER A 57 -16.16 3.79 -3.98
N TYR A 58 -14.96 3.32 -3.64
CA TYR A 58 -13.84 4.23 -3.39
C TYR A 58 -12.87 4.29 -4.58
N VAL A 59 -13.23 3.68 -5.69
CA VAL A 59 -12.33 3.56 -6.81
C VAL A 59 -12.86 4.31 -8.04
N ARG A 60 -11.99 4.99 -8.76
CA ARG A 60 -12.39 5.61 -10.02
C ARG A 60 -11.52 5.17 -11.19
N TRP A 61 -12.16 4.87 -12.32
CA TRP A 61 -11.47 4.54 -13.56
C TRP A 61 -11.37 5.79 -14.42
N PRO A 62 -10.28 5.96 -15.19
CA PRO A 62 -10.10 7.18 -15.99
C PRO A 62 -11.14 7.30 -17.10
N LYS A 63 -11.58 6.18 -17.65
CA LYS A 63 -12.73 6.16 -18.57
C LYS A 63 -13.78 5.24 -17.97
N GLU A 64 -14.71 5.80 -17.21
CA GLU A 64 -15.75 5.02 -16.55
C GLU A 64 -16.69 4.30 -17.53
N PRO A 65 -16.71 2.96 -17.48
CA PRO A 65 -17.58 2.19 -18.40
C PRO A 65 -19.04 2.18 -17.95
N ALA A 66 -19.98 2.04 -18.89
CA ALA A 66 -21.40 1.92 -18.57
C ALA A 66 -21.70 0.70 -17.73
N VAL A 67 -21.00 -0.39 -18.05
CA VAL A 67 -21.08 -1.64 -17.29
C VAL A 67 -19.68 -2.01 -16.82
N LEU A 68 -19.53 -2.14 -15.51
CA LEU A 68 -18.25 -2.50 -14.90
C LEU A 68 -18.00 -3.99 -15.10
N GLN A 69 -16.83 -4.35 -15.64
CA GLN A 69 -16.48 -5.74 -15.90
C GLN A 69 -15.57 -6.32 -14.83
N LEU A 70 -15.98 -7.46 -14.29
CA LEU A 70 -15.21 -8.14 -13.28
C LEU A 70 -14.79 -9.51 -13.83
N CYS A 71 -13.51 -9.84 -13.68
CA CYS A 71 -13.03 -11.17 -14.03
C CYS A 71 -12.58 -11.91 -12.81
N VAL A 72 -13.08 -13.14 -12.68
CA VAL A 72 -12.62 -14.05 -11.64
C VAL A 72 -11.58 -14.98 -12.25
N VAL A 73 -10.40 -15.02 -11.64
CA VAL A 73 -9.29 -15.75 -12.23
C VAL A 73 -8.69 -16.77 -11.23
N GLY A 74 -8.64 -18.04 -11.62
CA GLY A 74 -8.12 -19.08 -10.75
C GLY A 74 -9.16 -19.66 -9.79
N PRO A 75 -8.77 -20.70 -9.03
CA PRO A 75 -9.70 -21.37 -8.11
C PRO A 75 -10.15 -20.48 -6.96
N THR A 76 -11.46 -20.41 -6.76
CA THR A 76 -12.05 -19.54 -5.73
C THR A 76 -13.07 -20.32 -4.93
N GLU A 77 -13.27 -19.90 -3.69
CA GLU A 77 -14.19 -20.55 -2.79
C GLU A 77 -15.38 -19.64 -2.57
N TYR A 78 -15.13 -18.33 -2.66
CA TYR A 78 -16.08 -17.33 -2.18
C TYR A 78 -16.63 -16.39 -3.25
N ALA A 79 -16.54 -16.82 -4.50
CA ALA A 79 -16.87 -15.90 -5.57
C ALA A 79 -18.23 -16.20 -6.21
N ASP A 80 -18.94 -17.18 -5.67
CA ASP A 80 -20.20 -17.61 -6.29
C ASP A 80 -21.26 -16.50 -6.23
N GLY A 81 -21.23 -15.71 -5.15
CA GLY A 81 -22.12 -14.56 -5.06
C GLY A 81 -21.82 -13.48 -6.09
N LEU A 82 -20.55 -13.15 -6.26
CA LEU A 82 -20.25 -12.08 -7.17
C LEU A 82 -20.38 -12.55 -8.63
N LEU A 83 -20.21 -13.85 -8.87
CA LEU A 83 -20.45 -14.39 -10.21
C LEU A 83 -21.93 -14.32 -10.66
N ARG A 84 -22.85 -14.06 -9.73
CA ARG A 84 -24.22 -13.78 -10.08
C ARG A 84 -24.38 -12.42 -10.80
N GLY A 85 -23.34 -11.59 -10.73
CA GLY A 85 -23.50 -10.20 -11.15
C GLY A 85 -23.93 -9.35 -9.97
N MET A 86 -23.56 -8.08 -10.02
CA MET A 86 -23.85 -7.14 -8.95
C MET A 86 -24.34 -5.82 -9.51
N VAL A 87 -24.95 -5.01 -8.65
CA VAL A 87 -25.28 -3.64 -9.04
C VAL A 87 -24.76 -2.66 -8.00
N GLN A 88 -24.16 -1.57 -8.47
CA GLN A 88 -23.64 -0.53 -7.57
C GLN A 88 -24.73 0.45 -7.15
N ALA A 89 -24.45 1.27 -6.12
CA ALA A 89 -25.46 2.17 -5.54
C ALA A 89 -26.08 3.11 -6.56
N ASN A 90 -25.31 3.47 -7.58
CA ASN A 90 -25.76 4.41 -8.59
C ASN A 90 -26.47 3.70 -9.74
N GLY A 91 -26.46 2.38 -9.70
CA GLY A 91 -27.20 1.60 -10.67
C GLY A 91 -26.35 0.96 -11.75
N ARG A 92 -25.05 1.22 -11.72
CA ARG A 92 -24.18 0.62 -12.71
C ARG A 92 -24.03 -0.85 -12.41
N ARG A 93 -24.17 -1.66 -13.45
CA ARG A 93 -24.11 -3.11 -13.29
C ARG A 93 -22.68 -3.57 -13.30
N VAL A 94 -22.42 -4.59 -12.49
CA VAL A 94 -21.15 -5.27 -12.49
C VAL A 94 -21.37 -6.63 -13.11
N HIS A 95 -20.79 -6.84 -14.27
CA HIS A 95 -20.89 -8.12 -14.95
C HIS A 95 -19.66 -8.96 -14.60
N ALA A 96 -19.88 -10.20 -14.19
CA ALA A 96 -18.78 -11.05 -13.73
C ALA A 96 -18.64 -12.29 -14.58
N GLU A 97 -17.40 -12.72 -14.80
CA GLU A 97 -17.16 -14.03 -15.39
C GLU A 97 -15.78 -14.54 -15.09
N ARG A 98 -15.62 -15.85 -15.19
CA ARG A 98 -14.34 -16.50 -14.99
C ARG A 98 -13.52 -16.45 -16.24
N ARG A 99 -12.21 -16.27 -16.11
CA ARG A 99 -11.30 -16.36 -17.24
C ARG A 99 -10.05 -17.11 -16.84
N ALA A 100 -9.31 -17.63 -17.82
CA ALA A 100 -8.09 -18.38 -17.50
C ALA A 100 -6.96 -17.47 -17.10
N VAL A 101 -6.16 -17.97 -16.16
CA VAL A 101 -4.93 -17.34 -15.71
C VAL A 101 -4.02 -16.86 -16.84
N ASP A 102 -3.91 -17.62 -17.92
CA ASP A 102 -2.98 -17.33 -19.00
C ASP A 102 -3.59 -16.59 -20.17
N ASN A 103 -4.77 -16.03 -19.97
CA ASN A 103 -5.31 -15.14 -20.98
C ASN A 103 -4.49 -13.86 -20.99
N PRO A 104 -3.80 -13.60 -22.12
CA PRO A 104 -2.90 -12.44 -22.22
C PRO A 104 -3.65 -11.12 -22.26
N ASP A 105 -4.96 -11.15 -22.50
CA ASP A 105 -5.67 -9.89 -22.66
C ASP A 105 -6.52 -9.54 -21.46
N LEU A 106 -6.22 -10.17 -20.31
CA LEU A 106 -6.94 -9.87 -19.08
C LEU A 106 -7.04 -8.36 -18.86
N GLY A 107 -5.95 -7.66 -19.15
CA GLY A 107 -5.84 -6.23 -18.87
C GLY A 107 -6.84 -5.36 -19.60
N THR A 108 -7.24 -5.78 -20.80
CA THR A 108 -8.20 -5.00 -21.59
C THR A 108 -9.59 -5.62 -21.50
N LEU A 109 -9.65 -6.86 -21.01
CA LEU A 109 -10.93 -7.55 -20.87
C LEU A 109 -11.74 -7.16 -19.60
N CYS A 110 -11.13 -6.47 -18.66
CA CYS A 110 -11.85 -6.17 -17.45
C CYS A 110 -11.42 -4.90 -16.73
N ASN A 111 -12.27 -4.45 -15.80
CA ASN A 111 -11.97 -3.31 -14.95
C ASN A 111 -11.49 -3.75 -13.58
N VAL A 112 -11.96 -4.93 -13.18
CA VAL A 112 -11.69 -5.50 -11.86
C VAL A 112 -11.26 -6.97 -12.01
N ILE A 113 -10.25 -7.37 -11.24
CA ILE A 113 -9.81 -8.76 -11.19
C ILE A 113 -10.03 -9.29 -9.80
N TYR A 114 -10.75 -10.39 -9.67
CA TYR A 114 -10.84 -11.09 -8.39
C TYR A 114 -9.97 -12.34 -8.51
N LEU A 115 -8.85 -12.35 -7.79
CA LEU A 115 -7.80 -13.35 -7.98
C LEU A 115 -7.88 -14.48 -6.96
N GLY A 116 -7.96 -15.70 -7.46
CA GLY A 116 -8.04 -16.86 -6.61
C GLY A 116 -6.68 -17.46 -6.28
N VAL A 117 -6.68 -18.74 -5.94
CA VAL A 117 -5.50 -19.43 -5.46
C VAL A 117 -4.65 -19.98 -6.61
N VAL A 118 -3.59 -19.27 -6.96
CA VAL A 118 -2.73 -19.61 -8.09
C VAL A 118 -1.26 -19.70 -7.67
N ASP A 119 -0.42 -20.33 -8.48
CA ASP A 119 0.99 -20.51 -8.10
C ASP A 119 1.85 -19.34 -8.59
N GLU A 120 3.15 -19.39 -8.30
CA GLU A 120 4.05 -18.26 -8.58
C GLU A 120 4.04 -17.89 -10.06
N ARG A 121 4.23 -18.88 -10.92
CA ARG A 121 4.22 -18.71 -12.36
C ARG A 121 2.90 -18.08 -12.80
N GLU A 122 1.79 -18.69 -12.43
CA GLU A 122 0.46 -18.18 -12.78
C GLU A 122 0.26 -16.73 -12.31
N ARG A 123 0.68 -16.45 -11.09
CA ARG A 123 0.52 -15.12 -10.52
C ARG A 123 1.31 -14.09 -11.33
N GLN A 124 2.53 -14.43 -11.68
CA GLN A 124 3.38 -13.57 -12.51
C GLN A 124 2.72 -13.27 -13.86
N GLN A 125 2.42 -14.32 -14.63
CA GLN A 125 1.49 -14.29 -15.75
C GLN A 125 0.36 -13.27 -15.64
N VAL A 126 -0.32 -13.26 -14.51
CA VAL A 126 -1.51 -12.43 -14.40
C VAL A 126 -1.17 -10.96 -14.26
N PHE A 127 -0.18 -10.66 -13.42
CA PHE A 127 0.12 -9.25 -13.14
C PHE A 127 0.96 -8.64 -14.23
N ARG A 128 1.58 -9.48 -15.06
CA ARG A 128 2.27 -8.96 -16.23
C ARG A 128 1.24 -8.58 -17.29
N SER A 129 0.15 -9.35 -17.36
CA SER A 129 -0.98 -9.01 -18.23
C SER A 129 -1.67 -7.70 -17.83
N LEU A 130 -1.67 -7.38 -16.54
CA LEU A 130 -2.36 -6.19 -16.06
C LEU A 130 -1.55 -4.89 -16.07
N ALA A 131 -0.22 -4.99 -16.14
CA ALA A 131 0.64 -3.83 -16.13
C ALA A 131 0.29 -2.84 -17.25
N GLY A 132 0.08 -1.58 -16.89
CA GLY A 132 -0.16 -0.53 -17.87
C GLY A 132 -1.62 -0.34 -18.16
N HIS A 133 -2.47 -1.16 -17.55
CA HIS A 133 -3.91 -1.06 -17.71
C HIS A 133 -4.57 -0.60 -16.41
N PRO A 134 -5.69 0.15 -16.51
CA PRO A 134 -6.38 0.66 -15.32
C PRO A 134 -7.30 -0.39 -14.69
N VAL A 135 -6.70 -1.25 -13.88
CA VAL A 135 -7.40 -2.41 -13.35
C VAL A 135 -7.29 -2.49 -11.84
N LEU A 136 -8.43 -2.75 -11.21
CA LEU A 136 -8.52 -2.94 -9.78
C LEU A 136 -8.35 -4.42 -9.48
N SER A 137 -7.43 -4.76 -8.59
CA SER A 137 -7.20 -6.16 -8.28
C SER A 137 -7.47 -6.44 -6.81
N ILE A 138 -8.27 -7.47 -6.57
CA ILE A 138 -8.58 -7.95 -5.25
C ILE A 138 -8.33 -9.43 -5.23
N SER A 139 -7.64 -9.93 -4.20
CA SER A 139 -7.46 -11.36 -4.10
C SER A 139 -8.27 -11.97 -2.96
N GLU A 140 -8.66 -13.24 -3.10
CA GLU A 140 -9.50 -13.91 -2.12
C GLU A 140 -8.72 -14.21 -0.83
N ARG A 141 -7.40 -14.39 -0.97
CA ARG A 141 -6.56 -14.69 0.19
C ARG A 141 -5.52 -13.59 0.46
N GLY A 142 -5.15 -13.45 1.73
CA GLY A 142 -4.36 -12.31 2.17
C GLY A 142 -2.87 -12.50 2.06
N THR A 143 -2.44 -13.35 1.12
CA THR A 143 -1.02 -13.59 0.91
C THR A 143 -0.51 -12.75 -0.25
N GLU A 144 -1.43 -12.22 -1.04
CA GLU A 144 -1.09 -11.71 -2.37
C GLU A 144 -0.78 -10.21 -2.40
N CYS A 145 -0.82 -9.56 -1.23
CA CYS A 145 -0.58 -8.12 -1.18
C CYS A 145 0.90 -7.84 -1.30
N SER A 146 1.69 -8.91 -1.15
CA SER A 146 3.12 -8.82 -1.31
C SER A 146 3.55 -9.03 -2.75
N VAL A 147 2.64 -9.46 -3.61
CA VAL A 147 3.04 -9.89 -4.96
C VAL A 147 2.30 -9.23 -6.12
N GLY A 148 1.35 -8.35 -5.84
CA GLY A 148 0.77 -7.55 -6.92
C GLY A 148 -0.69 -7.14 -6.75
N SER A 149 -1.38 -7.80 -5.84
CA SER A 149 -2.77 -7.48 -5.61
C SER A 149 -2.90 -6.15 -4.85
N MET A 150 -3.89 -5.35 -5.21
CA MET A 150 -4.11 -4.06 -4.54
C MET A 150 -4.79 -4.25 -3.17
N PHE A 151 -5.79 -5.12 -3.14
CA PHE A 151 -6.45 -5.55 -1.89
C PHE A 151 -6.46 -7.07 -1.75
N CYS A 152 -6.34 -7.54 -0.52
CA CYS A 152 -6.37 -8.97 -0.25
C CYS A 152 -7.35 -9.22 0.88
N LEU A 153 -8.34 -10.08 0.64
CA LEU A 153 -9.40 -10.34 1.61
C LEU A 153 -8.93 -11.33 2.64
N ASN A 154 -9.40 -11.20 3.87
CA ASN A 154 -9.24 -12.30 4.81
C ASN A 154 -10.64 -12.75 5.21
N VAL A 155 -11.08 -13.81 4.55
CA VAL A 155 -12.42 -14.34 4.69
C VAL A 155 -12.37 -15.41 5.76
N GLY A 156 -12.51 -15.01 7.01
CA GLY A 156 -12.18 -15.88 8.12
C GLY A 156 -12.44 -15.05 9.36
N GLY A 157 -12.63 -15.71 10.50
CA GLY A 157 -13.11 -15.00 11.67
C GLY A 157 -14.56 -14.62 11.44
N PRO A 158 -15.10 -13.71 12.28
CA PRO A 158 -16.50 -13.31 12.17
C PRO A 158 -16.79 -12.38 10.98
N ARG A 159 -15.78 -11.63 10.54
CA ARG A 159 -15.96 -10.67 9.45
C ARG A 159 -14.91 -10.77 8.35
N ILE A 160 -15.32 -10.45 7.13
CA ILE A 160 -14.39 -10.23 6.04
C ILE A 160 -13.55 -8.98 6.30
N THR A 161 -12.24 -9.14 6.49
CA THR A 161 -11.37 -7.98 6.57
C THR A 161 -10.44 -7.96 5.33
N PHE A 162 -9.69 -6.88 5.15
CA PHE A 162 -8.74 -6.84 4.06
C PHE A 162 -7.56 -5.91 4.34
N GLU A 163 -6.45 -6.20 3.67
CA GLU A 163 -5.28 -5.33 3.66
C GLU A 163 -5.09 -4.72 2.28
N ALA A 164 -4.21 -3.75 2.16
CA ALA A 164 -3.96 -3.13 0.87
C ALA A 164 -2.47 -2.90 0.65
N ASN A 165 -2.08 -2.70 -0.61
CA ASN A 165 -0.67 -2.46 -0.90
C ASN A 165 -0.44 -1.20 -1.74
N LEU A 166 0.30 -0.23 -1.18
CA LEU A 166 0.43 1.09 -1.79
C LEU A 166 1.15 1.06 -3.14
N ASP A 167 2.19 0.24 -3.23
CA ASP A 167 2.94 0.10 -4.48
C ASP A 167 2.00 -0.34 -5.60
N SER A 168 1.27 -1.43 -5.37
CA SER A 168 0.35 -1.96 -6.37
C SER A 168 -0.75 -0.95 -6.70
N ILE A 169 -1.25 -0.27 -5.68
CA ILE A 169 -2.27 0.74 -5.89
C ILE A 169 -1.76 1.87 -6.77
N ALA A 170 -0.57 2.38 -6.45
CA ALA A 170 0.00 3.52 -7.14
C ALA A 170 0.23 3.26 -8.63
N ARG A 171 0.55 2.00 -8.98
CA ARG A 171 0.91 1.66 -10.36
C ARG A 171 -0.30 1.14 -11.14
N SER A 172 -1.46 1.16 -10.52
CA SER A 172 -2.63 0.44 -11.05
C SER A 172 -3.34 1.13 -12.19
N GLY A 173 -3.17 2.45 -12.28
CA GLY A 173 -3.91 3.23 -13.26
C GLY A 173 -5.30 3.67 -12.80
N VAL A 174 -5.72 3.31 -11.60
CA VAL A 174 -7.01 3.78 -11.12
C VAL A 174 -6.80 4.65 -9.90
N ARG A 175 -7.78 5.51 -9.59
CA ARG A 175 -7.74 6.31 -8.37
C ARG A 175 -8.51 5.63 -7.22
N VAL A 176 -7.81 5.37 -6.13
CA VAL A 176 -8.43 4.82 -4.92
C VAL A 176 -8.44 5.85 -3.80
N HIS A 177 -9.64 6.21 -3.34
CA HIS A 177 -9.78 7.13 -2.23
C HIS A 177 -9.32 6.49 -0.90
N PRO A 178 -8.53 7.21 -0.10
CA PRO A 178 -7.94 6.61 1.11
C PRO A 178 -8.97 6.23 2.19
N SER A 179 -10.20 6.71 2.08
CA SER A 179 -11.24 6.34 3.05
C SER A 179 -11.71 4.88 2.86
N VAL A 180 -11.13 4.18 1.89
CA VAL A 180 -11.46 2.78 1.68
C VAL A 180 -11.03 1.98 2.90
N LEU A 181 -10.04 2.50 3.62
CA LEU A 181 -9.57 1.86 4.83
C LEU A 181 -10.52 2.08 6.02
N LYS A 182 -11.50 2.98 5.89
CA LYS A 182 -12.58 3.08 6.88
C LYS A 182 -13.38 1.78 6.88
N LEU A 183 -13.71 1.31 5.68
CA LEU A 183 -14.37 0.02 5.53
C LEU A 183 -13.56 -1.10 6.20
N ALA A 184 -12.25 -1.14 5.93
CA ALA A 184 -11.37 -2.16 6.53
C ALA A 184 -11.31 -2.08 8.07
N ARG A 185 -11.14 -0.87 8.58
CA ARG A 185 -10.99 -0.66 10.02
C ARG A 185 -12.27 -1.09 10.73
N ARG A 186 -13.42 -0.70 10.18
CA ARG A 186 -14.69 -1.03 10.78
C ARG A 186 -14.93 -2.54 10.73
N GLN A 187 -14.33 -3.24 9.77
CA GLN A 187 -14.54 -4.69 9.68
C GLN A 187 -13.87 -5.50 10.84
N ALA A 188 -13.00 -4.88 11.66
CA ALA A 188 -12.87 -5.27 13.09
C ALA A 188 -13.55 -4.22 14.02
N THR A 189 -14.40 -4.59 15.00
CA THR A 189 -14.49 -5.86 15.72
C THR A 189 -14.97 -7.10 14.95
N THR B 39 17.03 1.48 -15.37
CA THR B 39 15.71 1.24 -14.85
C THR B 39 15.79 0.14 -13.78
N SER B 40 14.65 -0.35 -13.30
CA SER B 40 14.58 -1.36 -12.21
C SER B 40 14.96 -0.82 -10.84
N ILE B 41 16.19 -0.35 -10.68
CA ILE B 41 16.51 0.41 -9.49
C ILE B 41 15.75 1.74 -9.57
N GLU B 42 15.62 2.28 -10.79
CA GLU B 42 14.82 3.50 -10.98
C GLU B 42 13.34 3.19 -10.78
N GLN B 43 12.90 2.03 -11.24
CA GLN B 43 11.51 1.64 -11.07
C GLN B 43 11.18 1.58 -9.58
N ARG B 44 12.01 0.84 -8.81
CA ARG B 44 11.79 0.67 -7.38
C ARG B 44 11.93 1.98 -6.63
N SER B 45 12.78 2.86 -7.15
CA SER B 45 12.93 4.21 -6.59
C SER B 45 11.63 5.02 -6.72
N ASN B 46 11.02 5.00 -7.90
CA ASN B 46 9.73 5.66 -8.07
C ASN B 46 8.71 5.07 -7.13
N ALA B 47 8.73 3.75 -7.00
CA ALA B 47 7.76 3.08 -6.13
C ALA B 47 8.00 3.49 -4.68
N VAL B 48 9.27 3.58 -4.28
CA VAL B 48 9.57 3.98 -2.91
C VAL B 48 8.99 5.37 -2.63
N SER B 49 9.14 6.29 -3.58
CA SER B 49 8.49 7.60 -3.48
C SER B 49 7.00 7.49 -3.20
N GLN B 50 6.33 6.65 -3.97
CA GLN B 50 4.88 6.56 -3.86
C GLN B 50 4.46 5.88 -2.54
N VAL B 51 5.22 4.89 -2.09
CA VAL B 51 4.92 4.29 -0.81
C VAL B 51 5.05 5.35 0.29
N LEU B 52 6.15 6.11 0.27
CA LEU B 52 6.36 7.14 1.32
C LEU B 52 5.28 8.20 1.35
N LEU B 53 4.90 8.74 0.19
CA LEU B 53 3.75 9.65 0.13
C LEU B 53 2.52 9.06 0.82
N GLY B 54 2.31 7.77 0.60
CA GLY B 54 1.15 7.08 1.15
C GLY B 54 1.22 7.06 2.65
N ILE B 55 2.34 6.60 3.17
CA ILE B 55 2.55 6.58 4.60
C ILE B 55 2.39 7.99 5.20
N PHE B 56 2.84 9.02 4.49
CA PHE B 56 2.76 10.40 4.98
C PHE B 56 1.32 10.82 5.24
N SER B 57 0.39 10.32 4.43
CA SER B 57 -1.03 10.57 4.61
C SER B 57 -1.56 10.32 6.01
N TYR B 58 -0.93 9.39 6.73
CA TYR B 58 -1.48 8.91 8.00
C TYR B 58 -0.72 9.46 9.20
N VAL B 59 0.11 10.46 8.94
CA VAL B 59 0.91 11.09 9.97
C VAL B 59 0.54 12.57 10.16
N ARG B 60 0.37 12.96 11.41
CA ARG B 60 0.19 14.38 11.74
C ARG B 60 1.33 14.86 12.64
N TRP B 61 1.83 16.05 12.37
CA TRP B 61 2.85 16.66 13.23
C TRP B 61 2.18 17.64 14.20
N PRO B 62 2.67 17.70 15.45
CA PRO B 62 2.10 18.60 16.47
C PRO B 62 2.00 20.04 15.95
N LYS B 63 3.04 20.54 15.30
CA LYS B 63 2.91 21.77 14.52
C LYS B 63 3.29 21.51 13.07
N GLU B 64 2.32 21.71 12.18
CA GLU B 64 2.48 21.34 10.77
C GLU B 64 3.23 22.40 9.99
N PRO B 65 4.37 22.03 9.39
CA PRO B 65 5.15 23.01 8.62
C PRO B 65 4.53 23.26 7.26
N ALA B 66 4.79 24.43 6.70
CA ALA B 66 4.32 24.77 5.35
C ALA B 66 5.08 23.94 4.33
N VAL B 67 6.32 23.59 4.67
CA VAL B 67 7.09 22.68 3.83
C VAL B 67 7.60 21.53 4.69
N LEU B 68 7.34 20.32 4.25
CA LEU B 68 7.78 19.14 4.99
C LEU B 68 9.25 18.81 4.67
N GLN B 69 10.11 18.85 5.70
CA GLN B 69 11.52 18.54 5.54
C GLN B 69 11.82 17.04 5.63
N LEU B 70 12.41 16.49 4.58
CA LEU B 70 12.84 15.10 4.63
C LEU B 70 14.35 14.99 4.52
N CYS B 71 14.93 14.19 5.42
CA CYS B 71 16.36 13.95 5.40
C CYS B 71 16.65 12.49 5.03
N VAL B 72 17.48 12.32 4.00
CA VAL B 72 18.07 11.03 3.67
C VAL B 72 19.41 10.89 4.38
N VAL B 73 19.54 9.85 5.18
CA VAL B 73 20.70 9.72 6.06
C VAL B 73 21.34 8.35 5.92
N GLY B 74 22.59 8.32 5.46
CA GLY B 74 23.28 7.05 5.26
C GLY B 74 23.14 6.56 3.83
N PRO B 75 23.96 5.56 3.46
CA PRO B 75 23.97 4.98 2.12
C PRO B 75 22.60 4.45 1.72
N THR B 76 22.10 4.87 0.57
CA THR B 76 20.80 4.43 0.09
C THR B 76 20.86 4.05 -1.37
N GLU B 77 19.99 3.11 -1.73
CA GLU B 77 19.94 2.63 -3.09
C GLU B 77 18.71 3.18 -3.81
N TYR B 78 17.64 3.42 -3.05
CA TYR B 78 16.37 3.76 -3.67
C TYR B 78 15.84 5.16 -3.30
N ALA B 79 16.72 6.09 -2.93
CA ALA B 79 16.21 7.39 -2.48
C ALA B 79 16.29 8.49 -3.55
N ASP B 80 16.76 8.17 -4.76
CA ASP B 80 16.95 9.22 -5.77
C ASP B 80 15.65 9.91 -6.16
N GLY B 81 14.55 9.18 -6.15
CA GLY B 81 13.28 9.75 -6.52
C GLY B 81 12.83 10.78 -5.50
N LEU B 82 12.96 10.43 -4.23
CA LEU B 82 12.47 11.35 -3.22
C LEU B 82 13.46 12.51 -3.07
N LEU B 83 14.70 12.34 -3.52
CA LEU B 83 15.67 13.45 -3.49
C LEU B 83 15.41 14.49 -4.59
N ARG B 84 14.63 14.12 -5.60
CA ARG B 84 14.17 15.05 -6.63
C ARG B 84 13.09 15.98 -6.10
N GLY B 85 12.50 15.62 -4.97
CA GLY B 85 11.46 16.44 -4.36
C GLY B 85 10.09 15.84 -4.63
N MET B 86 9.18 16.05 -3.70
CA MET B 86 7.84 15.52 -3.84
C MET B 86 6.82 16.56 -3.44
N VAL B 87 5.55 16.30 -3.74
CA VAL B 87 4.47 17.15 -3.27
C VAL B 87 3.30 16.27 -2.86
N GLN B 88 2.75 16.54 -1.69
CA GLN B 88 1.63 15.78 -1.18
C GLN B 88 0.35 16.15 -1.91
N ALA B 89 -0.66 15.30 -1.77
CA ALA B 89 -1.95 15.55 -2.39
C ALA B 89 -2.53 16.91 -1.96
N ASN B 90 -2.37 17.26 -0.67
CA ASN B 90 -2.87 18.53 -0.16
C ASN B 90 -2.09 19.75 -0.71
N GLY B 91 -1.00 19.49 -1.44
CA GLY B 91 -0.27 20.54 -2.12
C GLY B 91 1.02 20.95 -1.46
N ARG B 92 1.27 20.40 -0.27
CA ARG B 92 2.48 20.67 0.49
C ARG B 92 3.70 20.04 -0.16
N ARG B 93 4.72 20.86 -0.45
CA ARG B 93 5.97 20.34 -0.97
C ARG B 93 6.75 19.58 0.10
N VAL B 94 7.40 18.49 -0.33
CA VAL B 94 8.37 17.77 0.49
C VAL B 94 9.77 18.11 0.01
N HIS B 95 10.50 18.84 0.84
CA HIS B 95 11.86 19.17 0.51
C HIS B 95 12.79 18.11 1.09
N ALA B 96 13.51 17.42 0.21
CA ALA B 96 14.42 16.38 0.64
C ALA B 96 15.87 16.76 0.42
N GLU B 97 16.72 16.48 1.38
CA GLU B 97 18.15 16.54 1.12
C GLU B 97 18.93 15.50 1.91
N ARG B 98 20.17 15.27 1.51
CA ARG B 98 21.02 14.35 2.23
C ARG B 98 21.64 14.98 3.46
N ARG B 99 21.68 14.24 4.55
CA ARG B 99 22.41 14.71 5.71
C ARG B 99 23.30 13.61 6.27
N ALA B 100 24.24 13.99 7.13
CA ALA B 100 25.24 13.08 7.64
C ALA B 100 24.76 12.38 8.92
N VAL B 101 25.15 11.11 9.03
CA VAL B 101 24.80 10.26 10.15
C VAL B 101 25.10 10.91 11.50
N ASP B 102 26.17 11.70 11.55
CA ASP B 102 26.63 12.32 12.78
C ASP B 102 26.35 13.82 12.85
N ASN B 103 25.47 14.33 11.99
CA ASN B 103 24.88 15.64 12.17
C ASN B 103 24.07 15.62 13.46
N PRO B 104 24.45 16.47 14.44
CA PRO B 104 23.80 16.43 15.76
C PRO B 104 22.42 17.06 15.76
N ASP B 105 22.05 17.73 14.67
CA ASP B 105 20.81 18.51 14.61
C ASP B 105 19.75 17.89 13.72
N LEU B 106 19.89 16.61 13.41
CA LEU B 106 18.88 15.90 12.62
C LEU B 106 17.49 16.07 13.21
N GLY B 107 17.40 16.07 14.54
CA GLY B 107 16.12 16.19 15.23
C GLY B 107 15.35 17.45 14.87
N THR B 108 16.06 18.57 14.76
CA THR B 108 15.42 19.84 14.45
C THR B 108 15.51 20.22 12.98
N LEU B 109 16.32 19.51 12.21
CA LEU B 109 16.47 19.77 10.77
C LEU B 109 15.39 19.11 9.91
N CYS B 110 14.77 18.05 10.40
CA CYS B 110 13.72 17.40 9.59
C CYS B 110 12.42 17.06 10.31
N ASN B 111 11.39 16.77 9.50
CA ASN B 111 10.14 16.18 9.97
C ASN B 111 10.11 14.67 9.68
N VAL B 112 10.90 14.25 8.69
CA VAL B 112 10.99 12.86 8.29
C VAL B 112 12.44 12.45 8.07
N ILE B 113 12.80 11.27 8.59
CA ILE B 113 14.10 10.65 8.33
C ILE B 113 13.92 9.45 7.43
N TYR B 114 14.67 9.38 6.35
CA TYR B 114 14.72 8.16 5.58
C TYR B 114 16.10 7.57 5.80
N LEU B 115 16.14 6.48 6.56
CA LEU B 115 17.38 5.94 7.09
C LEU B 115 17.94 4.80 6.24
N GLY B 116 19.15 4.99 5.74
CA GLY B 116 19.81 3.97 4.95
C GLY B 116 20.69 3.06 5.80
N VAL B 117 21.72 2.52 5.18
CA VAL B 117 22.60 1.52 5.79
C VAL B 117 23.45 2.11 6.91
N VAL B 118 23.21 1.70 8.15
CA VAL B 118 24.03 2.15 9.28
C VAL B 118 24.33 1.01 10.25
N ASP B 119 25.49 1.06 10.90
CA ASP B 119 25.82 0.10 11.95
C ASP B 119 25.18 0.53 13.27
N GLU B 120 25.41 -0.23 14.33
CA GLU B 120 24.68 0.02 15.58
C GLU B 120 25.15 1.26 16.30
N ARG B 121 26.44 1.56 16.23
CA ARG B 121 26.93 2.81 16.83
C ARG B 121 26.27 3.99 16.14
N GLU B 122 26.18 3.92 14.81
CA GLU B 122 25.62 5.00 14.00
C GLU B 122 24.11 5.11 14.14
N ARG B 123 23.45 3.97 14.08
CA ARG B 123 22.02 3.90 14.31
C ARG B 123 21.65 4.59 15.61
N GLN B 124 22.39 4.27 16.66
CA GLN B 124 22.06 4.78 17.98
C GLN B 124 22.32 6.28 18.09
N GLN B 125 23.36 6.80 17.44
CA GLN B 125 23.60 8.24 17.59
C GLN B 125 22.57 9.01 16.78
N VAL B 126 22.08 8.40 15.71
CA VAL B 126 21.00 9.02 14.94
C VAL B 126 19.75 9.18 15.82
N PHE B 127 19.29 8.09 16.42
CA PHE B 127 18.06 8.16 17.21
C PHE B 127 18.27 8.92 18.51
N ARG B 128 19.50 8.97 19.00
CA ARG B 128 19.82 9.81 20.15
C ARG B 128 19.54 11.26 19.74
N SER B 129 19.99 11.60 18.54
CA SER B 129 19.77 12.92 17.95
C SER B 129 18.29 13.21 17.64
N LEU B 130 17.52 12.16 17.36
CA LEU B 130 16.10 12.33 17.07
C LEU B 130 15.24 12.44 18.32
N ALA B 131 15.74 11.94 19.45
CA ALA B 131 14.96 11.82 20.68
C ALA B 131 14.33 13.13 21.14
N GLY B 132 13.04 13.08 21.45
CA GLY B 132 12.31 14.25 21.94
C GLY B 132 11.81 15.19 20.86
N HIS B 133 11.93 14.76 19.61
CA HIS B 133 11.47 15.56 18.47
C HIS B 133 10.43 14.79 17.65
N PRO B 134 9.41 15.50 17.13
CA PRO B 134 8.36 14.83 16.35
C PRO B 134 8.84 14.47 14.94
N VAL B 135 9.54 13.34 14.83
CA VAL B 135 10.10 12.92 13.55
C VAL B 135 9.57 11.56 13.10
N LEU B 136 9.04 11.49 11.89
CA LEU B 136 8.68 10.23 11.25
C LEU B 136 9.93 9.53 10.71
N SER B 137 10.19 8.31 11.17
CA SER B 137 11.41 7.59 10.76
C SER B 137 11.12 6.38 9.92
N ILE B 138 11.76 6.30 8.76
CA ILE B 138 11.55 5.20 7.85
C ILE B 138 12.89 4.66 7.38
N SER B 139 13.10 3.36 7.44
CA SER B 139 14.37 2.84 6.95
C SER B 139 14.19 1.98 5.70
N GLU B 140 15.18 2.04 4.83
CA GLU B 140 15.13 1.42 3.51
C GLU B 140 15.20 -0.11 3.57
N ARG B 141 16.01 -0.66 4.47
CA ARG B 141 16.13 -2.12 4.62
C ARG B 141 15.43 -2.63 5.87
N GLY B 142 14.83 -3.83 5.79
CA GLY B 142 13.88 -4.25 6.80
C GLY B 142 14.08 -5.53 7.58
N THR B 143 15.23 -5.64 8.24
CA THR B 143 15.42 -6.58 9.34
C THR B 143 15.61 -5.65 10.55
N GLU B 144 15.53 -4.35 10.23
CA GLU B 144 15.56 -3.23 11.16
C GLU B 144 14.19 -3.09 11.88
N CYS B 145 13.47 -4.22 11.97
CA CYS B 145 12.08 -4.29 12.41
C CYS B 145 11.80 -3.90 13.87
N SER B 146 12.83 -3.73 14.69
CA SER B 146 12.62 -3.50 16.12
C SER B 146 13.61 -2.50 16.72
N VAL B 147 14.49 -1.97 15.89
CA VAL B 147 15.68 -1.26 16.35
C VAL B 147 15.38 0.14 16.83
N GLY B 148 14.36 0.76 16.24
CA GLY B 148 14.13 2.18 16.46
C GLY B 148 13.34 2.87 15.36
N SER B 149 13.49 2.45 14.11
CA SER B 149 12.69 3.06 13.03
C SER B 149 11.22 2.65 13.10
N MET B 150 10.34 3.63 12.88
CA MET B 150 8.89 3.40 13.01
C MET B 150 8.39 2.49 11.91
N PHE B 151 8.85 2.73 10.69
CA PHE B 151 8.53 1.87 9.55
C PHE B 151 9.78 1.39 8.87
N CYS B 152 9.75 0.17 8.34
CA CYS B 152 10.88 -0.41 7.65
C CYS B 152 10.45 -1.00 6.32
N LEU B 153 11.03 -0.51 5.23
CA LEU B 153 10.67 -0.98 3.89
C LEU B 153 11.34 -2.30 3.56
N ASN B 154 10.65 -3.11 2.78
CA ASN B 154 11.23 -4.28 2.15
C ASN B 154 11.02 -4.12 0.66
N VAL B 155 12.05 -3.61 -0.01
CA VAL B 155 11.96 -3.18 -1.40
C VAL B 155 12.09 -4.37 -2.36
N GLY B 156 12.61 -5.49 -1.87
CA GLY B 156 12.75 -6.67 -2.70
C GLY B 156 11.42 -7.31 -3.04
N GLY B 157 11.46 -8.26 -3.96
CA GLY B 157 10.24 -8.92 -4.42
C GLY B 157 9.51 -8.11 -5.46
N PRO B 158 8.36 -8.63 -5.93
CA PRO B 158 7.56 -7.98 -6.97
C PRO B 158 7.06 -6.60 -6.56
N ARG B 159 6.69 -6.44 -5.29
CA ARG B 159 6.18 -5.16 -4.78
C ARG B 159 6.91 -4.71 -3.51
N ILE B 160 6.96 -3.41 -3.26
CA ILE B 160 7.38 -2.90 -1.95
C ILE B 160 6.38 -3.32 -0.88
N THR B 161 6.87 -3.88 0.22
CA THR B 161 6.06 -4.02 1.43
C THR B 161 6.76 -3.28 2.57
N PHE B 162 6.08 -3.07 3.69
CA PHE B 162 6.78 -2.52 4.83
C PHE B 162 6.21 -3.03 6.14
N GLU B 163 7.03 -2.98 7.19
CA GLU B 163 6.61 -3.37 8.53
C GLU B 163 6.48 -2.14 9.41
N ALA B 164 5.61 -2.22 10.41
CA ALA B 164 5.45 -1.15 11.38
C ALA B 164 6.02 -1.56 12.75
N ASN B 165 6.76 -0.65 13.37
CA ASN B 165 7.30 -0.84 14.71
C ASN B 165 6.42 -0.09 15.71
N LEU B 166 5.48 -0.81 16.32
CA LEU B 166 4.48 -0.20 17.16
C LEU B 166 5.06 0.51 18.39
N ASP B 167 6.16 0.00 18.93
CA ASP B 167 6.79 0.67 20.06
C ASP B 167 7.42 1.99 19.62
N SER B 168 8.17 1.96 18.53
CA SER B 168 8.79 3.18 18.00
C SER B 168 7.74 4.22 17.68
N ILE B 169 6.62 3.74 17.14
CA ILE B 169 5.50 4.62 16.82
C ILE B 169 4.91 5.25 18.07
N ALA B 170 4.97 4.54 19.20
CA ALA B 170 4.44 5.06 20.46
C ALA B 170 5.34 6.13 21.11
N ARG B 171 6.65 5.93 21.09
CA ARG B 171 7.59 6.92 21.63
C ARG B 171 7.84 8.03 20.62
N SER B 172 7.10 8.00 19.52
CA SER B 172 7.49 8.75 18.32
C SER B 172 7.41 10.28 18.45
N GLY B 173 6.31 10.79 18.96
CA GLY B 173 6.12 12.23 19.02
C GLY B 173 5.16 12.76 17.98
N VAL B 174 4.89 11.97 16.93
CA VAL B 174 3.91 12.34 15.93
C VAL B 174 2.70 11.42 16.06
N ARG B 175 1.58 11.80 15.47
CA ARG B 175 0.38 10.99 15.57
C ARG B 175 0.22 10.16 14.29
N VAL B 176 0.18 8.85 14.47
CA VAL B 176 0.06 7.94 13.35
C VAL B 176 -1.33 7.33 13.35
N HIS B 177 -2.10 7.62 12.30
CA HIS B 177 -3.43 7.08 12.21
C HIS B 177 -3.35 5.57 11.97
N PRO B 178 -4.10 4.78 12.76
CA PRO B 178 -3.98 3.32 12.78
C PRO B 178 -4.42 2.60 11.50
N SER B 179 -5.10 3.26 10.57
CA SER B 179 -5.42 2.61 9.30
C SER B 179 -4.14 2.30 8.50
N VAL B 180 -3.04 2.96 8.84
CA VAL B 180 -1.79 2.79 8.10
C VAL B 180 -1.33 1.34 8.21
N LEU B 181 -1.72 0.69 9.30
CA LEU B 181 -1.33 -0.67 9.56
C LEU B 181 -1.97 -1.65 8.59
N LYS B 182 -3.07 -1.23 7.98
CA LYS B 182 -3.75 -2.03 6.95
C LYS B 182 -2.93 -2.03 5.66
N LEU B 183 -1.91 -1.15 5.61
CA LEU B 183 -1.03 -1.06 4.44
C LEU B 183 0.29 -1.78 4.67
N ALA B 184 0.50 -2.25 5.89
CA ALA B 184 1.74 -2.95 6.24
C ALA B 184 1.59 -4.48 6.12
N ARG B 185 2.70 -5.19 6.21
CA ARG B 185 2.71 -6.65 6.19
C ARG B 185 3.04 -7.18 7.59
S SO4 C . -11.85 -16.47 -21.81
O1 SO4 C . -11.74 -17.54 -22.80
O2 SO4 C . -13.02 -15.68 -22.23
O3 SO4 C . -12.04 -17.04 -20.49
O4 SO4 C . -10.68 -15.62 -21.79
S SO4 D . -20.84 -25.04 5.48
O1 SO4 D . -20.57 -26.41 5.07
O2 SO4 D . -21.72 -24.42 4.50
O3 SO4 D . -21.48 -25.03 6.79
O4 SO4 D . -19.58 -24.31 5.58
S SO4 E . 18.73 -4.86 -12.37
O1 SO4 E . 18.32 -5.33 -13.69
O2 SO4 E . 18.13 -3.58 -11.98
O3 SO4 E . 18.30 -5.91 -11.45
O4 SO4 E . 20.16 -4.64 -12.34
#